data_1PXV
#
_entry.id   1PXV
#
_cell.length_a   73.485
_cell.length_b   94.966
_cell.length_c   110.927
_cell.angle_alpha   90.00
_cell.angle_beta   90.00
_cell.angle_gamma   90.00
#
_symmetry.space_group_name_H-M   'P 21 21 21'
#
loop_
_entity.id
_entity.type
_entity.pdbx_description
1 polymer 'cysteine protease'
2 polymer 'cysteine protease Inhibitor'
3 non-polymer 'SULFATE ION'
4 non-polymer GUANIDINE
5 water water
#
loop_
_entity_poly.entity_id
_entity_poly.type
_entity_poly.pdbx_seq_one_letter_code
_entity_poly.pdbx_strand_id
1 'polypeptide(L)'
;GHHHHHHEFDQVQYENTLKNFKIREQQFDNSWAAGFSMAALLNATKNTDTYNAHDIMRTLYPEVSEQDLPNCATFPNQMI
EYGKSQGRDIHYQEGVPSYNQVDQLTKDNVGIMILAQSVSQNPNDPHLGHALAVVGNAKINDQEKLIYWNPWDTELSIQD
ADSSLLHLSFNRDYNWYGSMIGY
;
A,B
2 'polypeptide(L)'
;GSMYQLQFINLVYDTTKLTHLEQTNINLFIGNWSNHQLQKSICIRHGDDTSHNQYHILFIDTAHQRIKFSSFDNEEIIYI
LDYDDTQHILMQTSSKQGIGTSRPIVYERLV
;
C,D
#
loop_
_chem_comp.id
_chem_comp.type
_chem_comp.name
_chem_comp.formula
GAI non-polymer GUANIDINE 'C H5 N3'
SO4 non-polymer 'SULFATE ION' 'O4 S -2'
#
# COMPACT_ATOMS: atom_id res chain seq x y z
N GLY A 1 4.76 -0.95 -17.16
CA GLY A 1 5.59 -0.43 -16.02
C GLY A 1 4.79 0.44 -15.06
N HIS A 2 5.15 0.40 -13.78
CA HIS A 2 4.47 1.20 -12.76
C HIS A 2 5.28 1.11 -11.46
N HIS A 3 5.46 2.25 -10.79
CA HIS A 3 6.22 2.31 -9.54
C HIS A 3 5.28 2.66 -8.40
N HIS A 4 5.72 2.34 -7.19
CA HIS A 4 5.02 2.77 -5.98
C HIS A 4 5.51 4.18 -5.65
N HIS A 5 4.60 5.01 -5.15
CA HIS A 5 4.89 6.41 -4.83
C HIS A 5 4.52 6.69 -3.39
N HIS A 6 4.86 7.89 -2.92
CA HIS A 6 4.43 8.31 -1.58
C HIS A 6 3.08 8.98 -1.71
N HIS A 7 2.29 9.03 -0.62
CA HIS A 7 0.96 9.68 -0.63
C HIS A 7 0.83 10.65 0.52
N GLU A 8 1.82 11.54 0.60
CA GLU A 8 2.03 12.48 1.73
C GLU A 8 0.84 13.37 2.03
N PHE A 9 0.12 13.73 0.97
CA PHE A 9 -0.92 14.73 1.04
C PHE A 9 -2.25 14.17 1.54
N ASP A 10 -2.41 12.86 1.62
CA ASP A 10 -3.62 12.38 2.24
C ASP A 10 -3.56 12.59 3.75
N GLN A 11 -4.71 12.83 4.33
CA GLN A 11 -4.81 12.99 5.77
C GLN A 11 -5.69 11.85 6.27
N VAL A 12 -5.09 10.80 6.79
CA VAL A 12 -5.89 9.66 7.29
C VAL A 12 -6.29 10.02 8.71
N GLN A 13 -7.52 10.49 8.90
CA GLN A 13 -7.94 10.95 10.21
C GLN A 13 -8.43 9.86 11.10
N TYR A 14 -8.81 8.75 10.50
CA TYR A 14 -9.35 7.61 11.25
C TYR A 14 -9.24 6.36 10.37
N GLU A 15 -8.81 5.25 10.97
CA GLU A 15 -8.70 3.96 10.26
C GLU A 15 -9.10 2.81 11.18
N ASN A 16 -9.90 1.88 10.66
CA ASN A 16 -10.45 0.79 11.47
C ASN A 16 -10.48 -0.47 10.60
N THR A 17 -9.50 -1.36 10.78
CA THR A 17 -9.40 -2.54 9.93
C THR A 17 -9.44 -3.79 10.75
N LEU A 18 -9.95 -4.86 10.15
CA LEU A 18 -10.23 -6.12 10.84
C LEU A 18 -8.97 -6.67 11.47
N LYS A 19 -9.08 -6.90 12.76
CA LYS A 19 -7.98 -7.47 13.54
C LYS A 19 -7.47 -8.75 12.85
N ASN A 20 -6.17 -8.82 12.72
CA ASN A 20 -5.49 -10.00 12.19
C ASN A 20 -5.56 -10.22 10.69
N PHE A 21 -6.19 -9.29 9.95
CA PHE A 21 -6.25 -9.45 8.50
C PHE A 21 -4.88 -9.37 7.88
N LYS A 22 -4.55 -10.30 7.00
CA LYS A 22 -3.31 -10.30 6.26
C LYS A 22 -3.53 -10.99 4.91
N ILE A 23 -3.08 -10.35 3.85
CA ILE A 23 -3.08 -10.99 2.54
C ILE A 23 -2.01 -12.08 2.54
N ARG A 24 -2.40 -13.33 2.28
CA ARG A 24 -1.46 -14.43 2.32
C ARG A 24 -1.30 -15.12 1.03
N GLU A 25 -2.28 -14.98 0.12
CA GLU A 25 -2.23 -15.63 -1.16
C GLU A 25 -2.93 -14.76 -2.20
N GLN A 26 -2.57 -14.97 -3.44
CA GLN A 26 -3.02 -14.16 -4.54
C GLN A 26 -3.72 -15.03 -5.58
N GLN A 27 -4.83 -14.55 -6.17
CA GLN A 27 -5.56 -15.25 -7.18
C GLN A 27 -5.01 -14.98 -8.57
N PHE A 28 -4.64 -16.04 -9.26
CA PHE A 28 -4.25 -15.96 -10.62
C PHE A 28 -5.24 -16.62 -11.52
N ASP A 29 -4.84 -17.71 -12.17
CA ASP A 29 -5.63 -18.38 -13.20
C ASP A 29 -6.68 -19.39 -12.71
N ASN A 30 -7.63 -18.92 -11.91
CA ASN A 30 -8.71 -19.73 -11.40
C ASN A 30 -9.86 -18.81 -11.08
N SER A 31 -10.98 -19.40 -10.77
CA SER A 31 -12.24 -18.64 -10.50
C SER A 31 -12.60 -18.72 -9.03
N TRP A 32 -11.56 -18.92 -8.21
CA TRP A 32 -11.74 -19.11 -6.74
C TRP A 32 -11.86 -17.86 -5.89
N ALA A 33 -12.19 -16.72 -6.49
CA ALA A 33 -12.28 -15.48 -5.71
C ALA A 33 -13.01 -15.55 -4.37
N ALA A 34 -14.13 -16.24 -4.31
CA ALA A 34 -14.92 -16.31 -3.11
C ALA A 34 -14.12 -17.13 -2.11
N GLY A 35 -13.46 -18.18 -2.59
CA GLY A 35 -12.62 -18.98 -1.70
C GLY A 35 -11.46 -18.14 -1.17
N PHE A 36 -10.85 -17.30 -2.02
CA PHE A 36 -9.76 -16.40 -1.51
C PHE A 36 -10.33 -15.45 -0.46
N SER A 37 -11.49 -14.85 -0.76
CA SER A 37 -12.10 -13.87 0.15
C SER A 37 -12.53 -14.48 1.47
N MET A 38 -13.22 -15.60 1.42
CA MET A 38 -13.62 -16.28 2.63
C MET A 38 -12.43 -16.75 3.44
N ALA A 39 -11.35 -17.19 2.77
CA ALA A 39 -10.15 -17.68 3.48
C ALA A 39 -9.49 -16.57 4.26
N ALA A 40 -9.41 -15.39 3.66
CA ALA A 40 -8.78 -14.26 4.30
C ALA A 40 -9.61 -13.73 5.41
N LEU A 41 -10.92 -13.77 5.25
CA LEU A 41 -11.79 -13.28 6.29
C LEU A 41 -11.83 -14.21 7.50
N LEU A 42 -11.94 -15.50 7.25
CA LEU A 42 -11.95 -16.49 8.31
C LEU A 42 -10.58 -16.57 8.99
N ASN A 43 -9.48 -16.42 8.24
CA ASN A 43 -8.15 -16.38 8.85
C ASN A 43 -8.07 -15.21 9.79
N ALA A 44 -8.67 -14.07 9.41
CA ALA A 44 -8.67 -12.90 10.26
C ALA A 44 -9.55 -13.09 11.48
N THR A 45 -10.80 -13.52 11.31
CA THR A 45 -11.67 -13.56 12.48
C THR A 45 -11.40 -14.75 13.39
N LYS A 46 -10.85 -15.82 12.84
CA LYS A 46 -10.53 -17.02 13.64
C LYS A 46 -9.09 -16.89 14.19
N ASN A 47 -8.36 -15.87 13.70
CA ASN A 47 -6.95 -15.64 14.08
C ASN A 47 -6.09 -16.84 13.77
N THR A 48 -6.04 -17.24 12.52
CA THR A 48 -5.30 -18.38 12.09
C THR A 48 -4.84 -18.19 10.67
N ASP A 49 -4.15 -19.21 10.15
CA ASP A 49 -3.62 -19.16 8.81
C ASP A 49 -3.91 -20.41 8.05
N THR A 50 -4.81 -21.23 8.59
CA THR A 50 -5.16 -22.50 7.99
C THR A 50 -6.12 -22.51 6.86
N TYR A 51 -6.89 -21.44 6.68
CA TYR A 51 -7.76 -21.37 5.52
C TYR A 51 -7.01 -20.94 4.27
N ASN A 52 -7.39 -21.51 3.14
CA ASN A 52 -6.84 -21.10 1.87
C ASN A 52 -7.85 -21.41 0.77
N ALA A 53 -7.80 -20.64 -0.30
CA ALA A 53 -8.74 -20.78 -1.40
C ALA A 53 -8.89 -22.18 -1.95
N HIS A 54 -7.78 -22.84 -2.25
CA HIS A 54 -7.83 -24.14 -2.84
C HIS A 54 -8.60 -25.13 -1.97
N ASP A 55 -8.30 -25.17 -0.69
CA ASP A 55 -8.94 -26.11 0.24
C ASP A 55 -10.42 -25.79 0.43
N ILE A 56 -10.78 -24.49 0.42
CA ILE A 56 -12.20 -24.16 0.47
C ILE A 56 -12.90 -24.69 -0.76
N MET A 57 -12.33 -24.41 -1.95
CA MET A 57 -12.92 -24.82 -3.19
C MET A 57 -13.05 -26.34 -3.28
N ARG A 58 -12.05 -27.04 -2.79
CA ARG A 58 -12.10 -28.49 -2.79
C ARG A 58 -13.22 -29.01 -1.93
N THR A 59 -13.46 -28.35 -0.80
CA THR A 59 -14.54 -28.75 0.08
C THR A 59 -15.88 -28.50 -0.59
N LEU A 60 -15.97 -27.43 -1.37
CA LEU A 60 -17.20 -27.15 -2.09
C LEU A 60 -17.43 -27.97 -3.30
N TYR A 61 -16.35 -28.51 -3.87
CA TYR A 61 -16.38 -29.31 -5.10
C TYR A 61 -15.58 -30.63 -4.90
N PRO A 62 -16.00 -31.47 -3.95
CA PRO A 62 -15.25 -32.69 -3.57
C PRO A 62 -15.01 -33.70 -4.67
N GLU A 63 -15.85 -33.75 -5.67
CA GLU A 63 -15.73 -34.70 -6.75
C GLU A 63 -15.12 -34.22 -8.03
N VAL A 64 -14.82 -32.93 -8.12
CA VAL A 64 -14.18 -32.41 -9.30
C VAL A 64 -12.68 -32.78 -9.41
N SER A 65 -12.20 -33.13 -10.61
CA SER A 65 -10.80 -33.42 -10.78
C SER A 65 -9.92 -32.22 -10.45
N GLU A 66 -8.68 -32.49 -10.04
CA GLU A 66 -7.75 -31.43 -9.69
C GLU A 66 -7.54 -30.56 -10.88
N GLN A 67 -7.62 -31.17 -12.06
CA GLN A 67 -7.39 -30.44 -13.29
C GLN A 67 -8.56 -29.47 -13.57
N ASP A 68 -9.79 -29.87 -13.27
CA ASP A 68 -10.95 -29.04 -13.51
C ASP A 68 -11.30 -28.09 -12.36
N LEU A 69 -10.70 -28.27 -11.21
CA LEU A 69 -11.04 -27.43 -10.04
C LEU A 69 -10.81 -25.91 -10.25
N PRO A 70 -9.72 -25.51 -10.88
CA PRO A 70 -9.48 -24.06 -11.09
C PRO A 70 -10.65 -23.36 -11.75
N ASN A 71 -11.41 -24.07 -12.58
CA ASN A 71 -12.51 -23.43 -13.25
C ASN A 71 -13.84 -23.41 -12.53
N CYS A 72 -13.84 -23.82 -11.25
CA CYS A 72 -15.09 -23.85 -10.47
C CYS A 72 -15.20 -22.50 -9.79
N ALA A 73 -16.37 -21.86 -9.92
CA ALA A 73 -16.65 -20.64 -9.24
C ALA A 73 -17.59 -20.98 -8.08
N THR A 74 -18.15 -19.96 -7.41
CA THR A 74 -18.92 -20.17 -6.21
C THR A 74 -20.34 -19.59 -6.35
N PHE A 75 -21.34 -20.35 -5.92
CA PHE A 75 -22.72 -19.85 -5.82
C PHE A 75 -22.99 -19.15 -4.52
N PRO A 76 -23.94 -18.20 -4.51
CA PRO A 76 -24.24 -17.54 -3.24
C PRO A 76 -24.55 -18.52 -2.08
N ASN A 77 -25.29 -19.56 -2.38
CA ASN A 77 -25.73 -20.50 -1.33
C ASN A 77 -24.54 -21.27 -0.79
N GLN A 78 -23.51 -21.47 -1.61
CA GLN A 78 -22.28 -22.11 -1.09
C GLN A 78 -21.55 -21.18 -0.17
N MET A 79 -21.60 -19.86 -0.45
CA MET A 79 -20.89 -18.93 0.41
C MET A 79 -21.52 -18.96 1.80
N ILE A 80 -22.82 -19.05 1.85
CA ILE A 80 -23.54 -19.11 3.07
C ILE A 80 -23.32 -20.42 3.80
N GLU A 81 -23.47 -21.53 3.11
CA GLU A 81 -23.32 -22.87 3.72
C GLU A 81 -21.89 -23.05 4.21
N TYR A 82 -20.90 -22.61 3.42
CA TYR A 82 -19.53 -22.79 3.84
C TYR A 82 -19.28 -21.99 5.13
N GLY A 83 -19.73 -20.75 5.18
CA GLY A 83 -19.51 -19.95 6.37
C GLY A 83 -20.15 -20.60 7.57
N LYS A 84 -21.37 -21.10 7.40
CA LYS A 84 -22.06 -21.74 8.50
C LYS A 84 -21.23 -22.96 8.98
N SER A 85 -20.70 -23.69 8.04
CA SER A 85 -19.92 -24.91 8.36
C SER A 85 -18.71 -24.57 9.25
N GLN A 86 -18.29 -23.32 9.23
CA GLN A 86 -17.13 -22.88 10.01
C GLN A 86 -17.55 -22.11 11.25
N GLY A 87 -18.83 -22.16 11.57
CA GLY A 87 -19.38 -21.54 12.74
C GLY A 87 -19.72 -20.06 12.60
N ARG A 88 -20.11 -19.66 11.40
CA ARG A 88 -20.42 -18.25 11.09
C ARG A 88 -21.83 -18.17 10.51
N ASP A 89 -22.68 -17.38 11.15
CA ASP A 89 -24.06 -17.24 10.72
C ASP A 89 -24.14 -16.20 9.59
N ILE A 90 -23.86 -16.63 8.38
CA ILE A 90 -23.77 -15.74 7.23
C ILE A 90 -25.19 -15.29 6.76
N HIS A 91 -25.32 -13.99 6.44
CA HIS A 91 -26.55 -13.42 5.93
C HIS A 91 -26.17 -12.55 4.71
N TYR A 92 -26.99 -12.62 3.68
CA TYR A 92 -26.83 -11.76 2.55
C TYR A 92 -27.54 -10.42 2.78
N GLN A 93 -26.90 -9.36 2.36
CA GLN A 93 -27.52 -8.01 2.38
C GLN A 93 -27.29 -7.33 1.02
N GLU A 94 -28.37 -6.94 0.38
CA GLU A 94 -28.28 -6.34 -0.93
C GLU A 94 -27.70 -4.92 -0.80
N GLY A 95 -26.94 -4.52 -1.78
CA GLY A 95 -26.37 -3.19 -1.84
C GLY A 95 -25.08 -3.03 -1.09
N VAL A 96 -24.63 -1.80 -0.97
CA VAL A 96 -23.35 -1.49 -0.34
C VAL A 96 -23.63 -1.25 1.13
N PRO A 97 -22.89 -1.86 2.04
CA PRO A 97 -23.14 -1.59 3.47
C PRO A 97 -22.72 -0.12 3.78
N SER A 98 -23.41 0.51 4.70
CA SER A 98 -23.03 1.84 5.12
C SER A 98 -21.66 1.86 5.84
N TYR A 99 -21.05 3.03 5.84
CA TYR A 99 -19.81 3.25 6.57
C TYR A 99 -19.98 2.86 8.04
N ASN A 100 -21.07 3.33 8.64
CA ASN A 100 -21.36 3.06 10.03
C ASN A 100 -21.56 1.59 10.34
N GLN A 101 -22.19 0.85 9.41
CA GLN A 101 -22.38 -0.56 9.60
C GLN A 101 -21.03 -1.30 9.49
N VAL A 102 -20.21 -0.92 8.54
CA VAL A 102 -18.87 -1.52 8.35
C VAL A 102 -18.01 -1.23 9.57
N ASP A 103 -18.14 -0.03 10.12
CA ASP A 103 -17.34 0.36 11.26
C ASP A 103 -17.69 -0.52 12.46
N GLN A 104 -18.98 -0.72 12.69
CA GLN A 104 -19.49 -1.54 13.77
C GLN A 104 -19.14 -3.03 13.58
N LEU A 105 -19.40 -3.57 12.39
CA LEU A 105 -19.03 -4.96 12.10
C LEU A 105 -17.55 -5.21 12.27
N THR A 106 -16.73 -4.25 11.84
CA THR A 106 -15.28 -4.44 11.87
C THR A 106 -14.79 -4.45 13.34
N LYS A 107 -15.35 -3.54 14.14
CA LYS A 107 -14.98 -3.48 15.57
C LYS A 107 -15.44 -4.70 16.31
N ASP A 108 -16.51 -5.33 15.81
CA ASP A 108 -17.02 -6.59 16.34
C ASP A 108 -16.37 -7.83 15.73
N ASN A 109 -15.33 -7.65 14.94
CA ASN A 109 -14.57 -8.71 14.27
C ASN A 109 -15.48 -9.60 13.49
N VAL A 110 -16.33 -9.01 12.66
CA VAL A 110 -17.23 -9.73 11.76
C VAL A 110 -16.81 -9.40 10.32
N GLY A 111 -16.56 -10.40 9.52
CA GLY A 111 -16.11 -10.25 8.16
C GLY A 111 -17.24 -10.10 7.15
N ILE A 112 -16.94 -9.33 6.11
CA ILE A 112 -17.89 -9.05 5.03
C ILE A 112 -17.22 -9.37 3.69
N MET A 113 -17.88 -10.18 2.89
CA MET A 113 -17.45 -10.47 1.56
C MET A 113 -18.32 -9.68 0.54
N ILE A 114 -17.66 -9.03 -0.37
CA ILE A 114 -18.30 -8.25 -1.44
C ILE A 114 -18.69 -9.18 -2.58
N LEU A 115 -19.90 -9.07 -3.05
CA LEU A 115 -20.32 -9.73 -4.27
C LEU A 115 -20.47 -8.61 -5.33
N ALA A 116 -19.73 -8.73 -6.41
CA ALA A 116 -19.68 -7.71 -7.45
C ALA A 116 -20.03 -8.30 -8.80
N GLN A 117 -20.55 -7.45 -9.66
CA GLN A 117 -20.97 -7.87 -10.97
C GLN A 117 -20.62 -6.75 -11.98
N SER A 118 -20.06 -7.14 -13.10
CA SER A 118 -19.74 -6.18 -14.20
C SER A 118 -21.03 -5.74 -14.85
N VAL A 119 -20.93 -4.69 -15.68
CA VAL A 119 -22.13 -4.14 -16.33
C VAL A 119 -22.11 -4.49 -17.82
N SER A 120 -23.15 -5.21 -18.25
CA SER A 120 -23.28 -5.64 -19.62
C SER A 120 -23.57 -4.48 -20.54
N GLN A 121 -23.05 -4.56 -21.78
CA GLN A 121 -23.35 -3.49 -22.73
C GLN A 121 -24.22 -3.92 -23.88
N ASN A 122 -24.64 -5.16 -23.87
CA ASN A 122 -25.43 -5.76 -24.93
C ASN A 122 -26.04 -7.08 -24.38
N PRO A 123 -27.12 -7.58 -24.99
CA PRO A 123 -27.70 -8.85 -24.58
C PRO A 123 -26.77 -10.06 -24.73
N ASN A 124 -25.82 -9.96 -25.66
CA ASN A 124 -24.85 -11.06 -25.89
C ASN A 124 -23.60 -10.92 -25.01
N ASP A 125 -23.50 -9.83 -24.23
CA ASP A 125 -22.32 -9.50 -23.41
C ASP A 125 -22.59 -9.94 -21.97
N PRO A 126 -22.21 -11.16 -21.61
CA PRO A 126 -22.53 -11.69 -20.29
C PRO A 126 -21.83 -10.97 -19.18
N HIS A 127 -22.58 -10.44 -18.22
CA HIS A 127 -21.96 -9.85 -17.07
C HIS A 127 -21.24 -10.89 -16.24
N LEU A 128 -20.15 -10.48 -15.58
CA LEU A 128 -19.26 -11.39 -14.85
C LEU A 128 -19.41 -11.11 -13.38
N GLY A 129 -19.38 -12.19 -12.55
CA GLY A 129 -19.42 -12.03 -11.13
C GLY A 129 -18.04 -12.16 -10.51
N HIS A 130 -17.79 -11.43 -9.42
CA HIS A 130 -16.53 -11.53 -8.71
C HIS A 130 -16.78 -11.37 -7.18
N ALA A 131 -15.83 -11.80 -6.40
CA ALA A 131 -15.90 -11.71 -4.96
C ALA A 131 -14.67 -11.13 -4.35
N LEU A 132 -14.85 -10.28 -3.35
CA LEU A 132 -13.76 -9.59 -2.71
C LEU A 132 -13.97 -9.59 -1.21
N ALA A 133 -12.95 -9.12 -0.49
CA ALA A 133 -13.08 -8.99 0.97
C ALA A 133 -13.06 -7.58 1.47
N VAL A 134 -14.02 -7.25 2.31
CA VAL A 134 -13.97 -5.99 3.03
C VAL A 134 -12.88 -6.11 4.09
N VAL A 135 -12.07 -5.07 4.28
CA VAL A 135 -11.03 -5.08 5.33
C VAL A 135 -11.36 -4.09 6.47
N GLY A 136 -12.09 -3.04 6.17
CA GLY A 136 -12.49 -2.09 7.21
C GLY A 136 -12.93 -0.77 6.60
N ASN A 137 -12.61 0.32 7.28
CA ASN A 137 -13.11 1.63 6.83
C ASN A 137 -12.18 2.68 7.37
N ALA A 138 -12.25 3.86 6.75
CA ALA A 138 -11.34 4.95 7.16
C ALA A 138 -12.01 6.27 6.81
N LYS A 139 -11.59 7.31 7.51
CA LYS A 139 -11.94 8.69 7.12
C LYS A 139 -10.64 9.30 6.62
N ILE A 140 -10.63 9.73 5.37
CA ILE A 140 -9.44 10.20 4.69
C ILE A 140 -9.82 11.50 3.96
N ASN A 141 -9.10 12.57 4.26
CA ASN A 141 -9.39 13.89 3.66
C ASN A 141 -10.83 14.27 3.88
N ASP A 142 -11.34 14.00 5.06
CA ASP A 142 -12.71 14.30 5.45
C ASP A 142 -13.79 13.49 4.75
N GLN A 143 -13.40 12.39 4.13
CA GLN A 143 -14.36 11.60 3.33
C GLN A 143 -14.40 10.19 3.89
N GLU A 144 -15.57 9.61 3.97
CA GLU A 144 -15.70 8.27 4.47
C GLU A 144 -15.37 7.27 3.36
N LYS A 145 -14.52 6.29 3.68
CA LYS A 145 -14.04 5.28 2.81
C LYS A 145 -14.19 3.88 3.40
N LEU A 146 -14.29 2.90 2.52
CA LEU A 146 -14.22 1.52 2.89
C LEU A 146 -12.94 0.99 2.34
N ILE A 147 -12.33 0.04 3.03
CA ILE A 147 -11.09 -0.57 2.64
C ILE A 147 -11.36 -2.04 2.27
N TYR A 148 -10.87 -2.45 1.13
CA TYR A 148 -11.16 -3.80 0.61
C TYR A 148 -9.94 -4.44 -0.08
N TRP A 149 -10.04 -5.74 -0.32
CA TRP A 149 -8.98 -6.52 -0.91
C TRP A 149 -9.59 -7.29 -2.07
N ASN A 150 -9.08 -7.06 -3.25
CA ASN A 150 -9.34 -7.84 -4.43
C ASN A 150 -8.34 -8.98 -4.43
N PRO A 151 -8.81 -10.24 -4.46
CA PRO A 151 -7.86 -11.38 -4.57
C PRO A 151 -6.82 -11.29 -5.67
N TRP A 152 -7.11 -10.59 -6.76
CA TRP A 152 -6.13 -10.35 -7.79
C TRP A 152 -4.89 -9.64 -7.31
N ASP A 153 -4.93 -8.97 -6.19
CA ASP A 153 -3.88 -8.05 -5.78
C ASP A 153 -3.07 -8.48 -4.57
N THR A 154 -1.91 -7.85 -4.38
CA THR A 154 -1.13 -7.96 -3.15
C THR A 154 -1.21 -6.79 -2.23
N GLU A 155 -2.09 -5.84 -2.49
CA GLU A 155 -2.21 -4.68 -1.66
C GLU A 155 -3.73 -4.44 -1.48
N LEU A 156 -4.04 -3.57 -0.55
CA LEU A 156 -5.42 -3.20 -0.29
C LEU A 156 -5.87 -2.03 -1.20
N SER A 157 -7.18 -1.84 -1.27
CA SER A 157 -7.82 -0.82 -2.11
C SER A 157 -8.77 -0.01 -1.25
N ILE A 158 -9.05 1.22 -1.69
CA ILE A 158 -9.91 2.15 -0.98
C ILE A 158 -11.10 2.54 -1.84
N GLN A 159 -12.27 2.49 -1.24
CA GLN A 159 -13.51 2.74 -1.97
C GLN A 159 -14.27 3.88 -1.29
N ASP A 160 -14.78 4.82 -2.08
CA ASP A 160 -15.69 5.83 -1.51
C ASP A 160 -16.89 5.16 -0.94
N ALA A 161 -17.25 5.48 0.29
CA ALA A 161 -18.32 4.79 0.96
C ALA A 161 -19.66 5.06 0.24
N ASP A 162 -19.73 6.16 -0.50
CA ASP A 162 -20.97 6.46 -1.14
C ASP A 162 -20.99 6.02 -2.61
N SER A 163 -20.19 4.99 -2.97
CA SER A 163 -20.21 4.50 -4.33
C SER A 163 -20.23 2.95 -4.36
N SER A 164 -20.94 2.41 -5.33
CA SER A 164 -20.93 0.96 -5.53
C SER A 164 -19.96 0.59 -6.67
N LEU A 165 -19.34 1.59 -7.29
CA LEU A 165 -18.51 1.32 -8.48
C LEU A 165 -17.09 0.98 -8.05
N LEU A 166 -16.70 -0.29 -8.23
CA LEU A 166 -15.36 -0.74 -7.89
C LEU A 166 -14.45 -0.67 -9.08
N HIS A 167 -13.39 0.14 -8.98
CA HIS A 167 -12.40 0.30 -10.04
C HIS A 167 -11.25 -0.61 -9.72
N LEU A 168 -11.32 -1.82 -10.24
CA LEU A 168 -10.31 -2.81 -9.97
C LEU A 168 -9.10 -2.69 -10.88
N SER A 169 -8.04 -3.41 -10.52
CA SER A 169 -6.82 -3.49 -11.28
C SER A 169 -7.09 -3.97 -12.72
N PHE A 170 -6.18 -3.70 -13.65
CA PHE A 170 -6.33 -4.02 -15.06
C PHE A 170 -7.52 -3.28 -15.67
N ASN A 171 -7.88 -2.15 -15.05
CA ASN A 171 -8.95 -1.33 -15.52
C ASN A 171 -10.28 -2.04 -15.69
N ARG A 172 -10.60 -2.92 -14.77
CA ARG A 172 -11.87 -3.61 -14.81
C ARG A 172 -12.79 -3.00 -13.81
N ASP A 173 -14.02 -2.77 -14.21
CA ASP A 173 -15.02 -2.14 -13.34
C ASP A 173 -16.13 -3.12 -13.00
N TYR A 174 -16.49 -3.18 -11.74
CA TYR A 174 -17.59 -4.01 -11.26
C TYR A 174 -18.40 -3.21 -10.31
N ASN A 175 -19.68 -3.50 -10.28
CA ASN A 175 -20.51 -2.93 -9.28
C ASN A 175 -20.71 -3.85 -8.08
N TRP A 176 -20.61 -3.28 -6.89
CA TRP A 176 -20.87 -3.97 -5.61
C TRP A 176 -22.38 -4.08 -5.48
N TYR A 177 -22.93 -5.26 -5.72
CA TYR A 177 -24.40 -5.42 -5.67
C TYR A 177 -24.93 -5.98 -4.39
N GLY A 178 -24.07 -6.62 -3.63
CA GLY A 178 -24.43 -7.02 -2.28
C GLY A 178 -23.25 -7.63 -1.53
N SER A 179 -23.56 -8.15 -0.33
CA SER A 179 -22.50 -8.61 0.55
C SER A 179 -22.98 -9.85 1.30
N MET A 180 -22.03 -10.70 1.65
CA MET A 180 -22.28 -11.83 2.54
C MET A 180 -21.60 -11.45 3.87
N ILE A 181 -22.39 -11.24 4.89
CA ILE A 181 -21.92 -10.71 6.15
C ILE A 181 -21.96 -11.79 7.23
N GLY A 182 -20.88 -11.91 7.99
CA GLY A 182 -20.83 -12.83 9.10
C GLY A 182 -19.55 -13.64 9.27
N TYR A 183 -18.57 -13.50 8.40
CA TYR A 183 -17.37 -14.34 8.46
C TYR A 183 -16.51 -14.05 9.71
N GLY B 1 1.07 15.59 -7.72
CA GLY B 1 -0.12 15.32 -6.95
C GLY B 1 -0.40 13.81 -6.83
N HIS B 2 -0.74 13.35 -5.62
CA HIS B 2 -0.93 11.94 -5.41
C HIS B 2 -2.38 11.46 -5.37
N HIS B 3 -2.53 10.20 -5.76
CA HIS B 3 -3.76 9.40 -5.84
C HIS B 3 -3.28 7.95 -5.82
N HIS B 4 -3.97 7.03 -5.17
CA HIS B 4 -3.48 5.62 -5.21
C HIS B 4 -3.70 4.92 -6.56
N HIS B 5 -2.74 4.08 -6.97
CA HIS B 5 -2.85 3.37 -8.27
C HIS B 5 -2.68 1.85 -8.14
N HIS B 6 -3.26 1.13 -9.09
CA HIS B 6 -3.01 -0.31 -9.15
C HIS B 6 -1.57 -0.58 -9.65
N HIS B 7 -1.04 -1.74 -9.27
CA HIS B 7 0.33 -2.03 -9.60
C HIS B 7 0.30 -3.38 -10.26
N GLU B 8 -0.46 -3.47 -11.36
CA GLU B 8 -0.74 -4.76 -11.97
C GLU B 8 0.55 -5.48 -12.25
N PHE B 9 1.36 -4.97 -13.14
CA PHE B 9 2.40 -5.85 -13.61
C PHE B 9 3.62 -6.10 -12.68
N ASP B 10 3.60 -5.71 -11.39
CA ASP B 10 4.62 -6.25 -10.44
C ASP B 10 4.42 -7.75 -10.21
N GLN B 11 5.52 -8.47 -10.12
CA GLN B 11 5.42 -9.90 -9.78
C GLN B 11 6.01 -10.14 -8.41
N VAL B 12 5.15 -10.23 -7.41
CA VAL B 12 5.64 -10.54 -6.10
C VAL B 12 5.83 -12.04 -6.03
N GLN B 13 7.04 -12.50 -6.28
CA GLN B 13 7.31 -13.93 -6.26
C GLN B 13 7.57 -14.54 -4.87
N TYR B 14 7.93 -13.72 -3.88
CA TYR B 14 8.16 -14.19 -2.52
C TYR B 14 7.99 -12.99 -1.61
N GLU B 15 7.29 -13.18 -0.50
CA GLU B 15 7.07 -12.12 0.51
C GLU B 15 7.19 -12.72 1.89
N ASN B 16 7.93 -12.06 2.78
CA ASN B 16 8.24 -12.58 4.12
C ASN B 16 8.19 -11.41 5.12
N THR B 17 7.09 -11.28 5.86
CA THR B 17 6.98 -10.14 6.75
C THR B 17 6.73 -10.56 8.18
N LEU B 18 7.08 -9.68 9.09
CA LEU B 18 6.96 -9.96 10.50
C LEU B 18 5.53 -10.28 10.83
N LYS B 19 5.33 -11.45 11.40
CA LYS B 19 4.06 -11.85 11.85
C LYS B 19 3.54 -10.80 12.85
N ASN B 20 2.30 -10.46 12.69
CA ASN B 20 1.57 -9.56 13.54
C ASN B 20 1.92 -8.06 13.41
N PHE B 21 2.81 -7.68 12.48
CA PHE B 21 3.14 -6.27 12.29
C PHE B 21 1.95 -5.51 11.76
N LYS B 22 1.60 -4.42 12.39
CA LYS B 22 0.52 -3.57 11.94
C LYS B 22 0.85 -2.10 12.22
N ILE B 23 0.68 -1.23 11.22
CA ILE B 23 0.74 0.17 11.46
C ILE B 23 -0.47 0.63 12.27
N ARG B 24 -0.25 1.20 13.46
CA ARG B 24 -1.34 1.62 14.31
C ARG B 24 -1.37 3.09 14.63
N GLU B 25 -0.29 3.80 14.36
CA GLU B 25 -0.13 5.17 14.71
C GLU B 25 0.89 5.84 13.80
N GLN B 26 0.76 7.11 13.64
CA GLN B 26 1.53 7.89 12.68
C GLN B 26 2.24 9.01 13.41
N GLN B 27 3.48 9.26 13.01
CA GLN B 27 4.28 10.35 13.50
C GLN B 27 4.03 11.67 12.80
N PHE B 28 3.65 12.68 13.52
CA PHE B 28 3.51 14.04 13.01
C PHE B 28 4.59 14.99 13.55
N ASP B 29 4.19 15.95 14.37
CA ASP B 29 5.02 17.04 14.79
C ASP B 29 5.71 16.73 16.10
N ASN B 30 6.54 15.71 16.05
CA ASN B 30 7.39 15.33 17.19
C ASN B 30 8.62 14.64 16.64
N SER B 31 9.57 14.36 17.54
CA SER B 31 10.80 13.65 17.17
C SER B 31 10.84 12.26 17.77
N TRP B 32 9.67 11.60 17.91
CA TRP B 32 9.49 10.34 18.55
C TRP B 32 9.67 9.10 17.64
N ALA B 33 10.25 9.30 16.44
CA ALA B 33 10.41 8.25 15.45
C ALA B 33 10.91 6.90 16.04
N ALA B 34 11.86 6.92 16.97
CA ALA B 34 12.36 5.66 17.54
C ALA B 34 11.29 5.00 18.43
N GLY B 35 10.52 5.83 19.13
CA GLY B 35 9.40 5.38 19.92
C GLY B 35 8.34 4.74 19.03
N PHE B 36 8.06 5.38 17.89
CA PHE B 36 7.12 4.77 16.94
C PHE B 36 7.59 3.43 16.43
N SER B 37 8.86 3.37 15.98
CA SER B 37 9.42 2.17 15.45
C SER B 37 9.53 1.04 16.48
N MET B 38 10.08 1.34 17.68
CA MET B 38 10.16 0.33 18.71
C MET B 38 8.77 -0.22 19.09
N ALA B 39 7.79 0.69 19.22
CA ALA B 39 6.42 0.27 19.60
C ALA B 39 5.85 -0.66 18.54
N ALA B 40 6.03 -0.34 17.27
CA ALA B 40 5.50 -1.23 16.21
C ALA B 40 6.20 -2.58 16.17
N LEU B 41 7.54 -2.60 16.40
CA LEU B 41 8.30 -3.80 16.39
C LEU B 41 7.91 -4.70 17.59
N LEU B 42 7.82 -4.12 18.78
CA LEU B 42 7.46 -4.88 19.99
C LEU B 42 6.04 -5.37 19.92
N ASN B 43 5.12 -4.54 19.45
CA ASN B 43 3.71 -4.98 19.22
C ASN B 43 3.67 -6.19 18.30
N ALA B 44 4.54 -6.21 17.29
CA ALA B 44 4.57 -7.30 16.32
C ALA B 44 5.15 -8.55 16.96
N THR B 45 6.35 -8.46 17.55
CA THR B 45 7.03 -9.64 18.06
C THR B 45 6.38 -10.20 19.32
N LYS B 46 5.62 -9.39 20.04
CA LYS B 46 4.93 -9.87 21.24
C LYS B 46 3.46 -10.09 20.96
N ASN B 47 3.04 -9.88 19.71
CA ASN B 47 1.61 -9.99 19.34
C ASN B 47 0.68 -9.28 20.33
N THR B 48 0.88 -7.98 20.45
CA THR B 48 0.11 -7.16 21.31
C THR B 48 -0.10 -5.81 20.72
N ASP B 49 -0.92 -4.98 21.36
CA ASP B 49 -1.15 -3.64 20.94
C ASP B 49 -0.85 -2.64 22.05
N THR B 50 -0.17 -3.14 23.09
CA THR B 50 0.03 -2.35 24.29
C THR B 50 1.17 -1.35 24.25
N TYR B 51 2.00 -1.39 23.21
CA TYR B 51 3.10 -0.44 23.09
C TYR B 51 2.63 0.71 22.26
N ASN B 52 3.09 1.91 22.57
CA ASN B 52 2.80 3.06 21.73
C ASN B 52 3.90 4.07 21.92
N ALA B 53 4.11 4.89 20.90
CA ALA B 53 5.26 5.84 20.96
C ALA B 53 5.22 6.75 22.16
N HIS B 54 4.06 7.35 22.43
CA HIS B 54 3.92 8.30 23.48
C HIS B 54 4.40 7.73 24.82
N ASP B 55 3.98 6.53 25.17
CA ASP B 55 4.31 5.90 26.44
C ASP B 55 5.76 5.52 26.50
N ILE B 56 6.34 5.15 25.38
CA ILE B 56 7.79 4.92 25.30
C ILE B 56 8.56 6.19 25.52
N MET B 57 8.16 7.29 24.87
CA MET B 57 8.86 8.54 25.10
C MET B 57 8.76 9.04 26.53
N ARG B 58 7.57 8.90 27.14
CA ARG B 58 7.41 9.28 28.52
C ARG B 58 8.33 8.45 29.42
N THR B 59 8.49 7.17 29.10
CA THR B 59 9.36 6.30 29.89
C THR B 59 10.79 6.83 29.86
N LEU B 60 11.21 7.30 28.69
CA LEU B 60 12.54 7.80 28.52
C LEU B 60 12.78 9.17 29.15
N TYR B 61 11.73 10.00 29.25
CA TYR B 61 11.80 11.39 29.67
C TYR B 61 10.74 11.74 30.73
N PRO B 62 10.71 10.96 31.82
CA PRO B 62 9.71 11.06 32.87
C PRO B 62 9.38 12.45 33.44
N GLU B 63 10.42 13.28 33.52
CA GLU B 63 10.40 14.66 34.06
C GLU B 63 9.84 15.72 33.10
N VAL B 64 9.83 15.40 31.81
CA VAL B 64 9.59 16.39 30.83
C VAL B 64 8.07 16.58 30.72
N SER B 65 7.65 17.85 30.66
CA SER B 65 6.25 18.16 30.54
C SER B 65 5.73 17.69 29.23
N GLU B 66 4.41 17.52 29.12
CA GLU B 66 3.75 17.22 27.87
C GLU B 66 3.96 18.28 26.82
N GLN B 67 4.02 19.55 27.25
CA GLN B 67 4.34 20.60 26.33
C GLN B 67 5.72 20.43 25.70
N ASP B 68 6.71 20.04 26.49
CA ASP B 68 8.08 19.95 25.97
C ASP B 68 8.39 18.57 25.35
N LEU B 69 7.58 17.56 25.66
CA LEU B 69 7.93 16.17 25.17
C LEU B 69 8.04 16.02 23.65
N PRO B 70 7.21 16.68 22.87
CA PRO B 70 7.28 16.49 21.39
C PRO B 70 8.66 16.67 20.79
N ASN B 71 9.48 17.54 21.38
CA ASN B 71 10.82 17.78 20.83
C ASN B 71 11.93 16.92 21.45
N CYS B 72 11.57 15.94 22.26
CA CYS B 72 12.53 14.97 22.74
C CYS B 72 12.74 13.89 21.69
N ALA B 73 13.98 13.54 21.43
CA ALA B 73 14.33 12.51 20.46
C ALA B 73 14.96 11.33 21.24
N THR B 74 15.48 10.35 20.53
CA THR B 74 15.99 9.16 21.20
C THR B 74 17.47 8.97 20.92
N PHE B 75 18.15 8.40 21.90
CA PHE B 75 19.60 8.16 21.78
C PHE B 75 19.90 6.68 21.79
N PRO B 76 21.02 6.30 21.18
CA PRO B 76 21.37 4.84 21.05
C PRO B 76 21.24 4.03 22.33
N ASN B 77 21.80 4.48 23.44
CA ASN B 77 21.71 3.68 24.65
C ASN B 77 20.27 3.55 25.15
N GLN B 78 19.45 4.56 24.93
CA GLN B 78 18.02 4.47 25.34
C GLN B 78 17.31 3.38 24.55
N MET B 79 17.71 3.22 23.29
CA MET B 79 17.11 2.18 22.41
C MET B 79 17.41 0.79 22.93
N ILE B 80 18.65 0.63 23.41
CA ILE B 80 19.09 -0.67 23.93
C ILE B 80 18.49 -0.93 25.28
N GLU B 81 18.57 0.05 26.18
CA GLU B 81 18.04 -0.05 27.52
C GLU B 81 16.54 -0.19 27.54
N TYR B 82 15.82 0.49 26.64
CA TYR B 82 14.37 0.33 26.58
C TYR B 82 14.02 -1.10 26.17
N GLY B 83 14.69 -1.62 25.17
CA GLY B 83 14.43 -2.98 24.70
C GLY B 83 14.74 -3.95 25.85
N LYS B 84 15.82 -3.68 26.57
CA LYS B 84 16.17 -4.51 27.74
C LYS B 84 15.10 -4.50 28.81
N SER B 85 14.47 -3.36 29.06
CA SER B 85 13.41 -3.26 30.02
C SER B 85 12.19 -4.10 29.61
N GLN B 86 12.09 -4.37 28.32
CA GLN B 86 10.94 -5.17 27.79
C GLN B 86 11.38 -6.60 27.45
N GLY B 87 12.49 -7.03 28.04
CA GLY B 87 12.95 -8.40 27.88
C GLY B 87 13.60 -8.74 26.57
N ARG B 88 14.09 -7.75 25.85
CA ARG B 88 14.75 -7.95 24.56
C ARG B 88 16.20 -7.56 24.60
N ASP B 89 17.06 -8.41 24.03
CA ASP B 89 18.46 -8.14 23.96
C ASP B 89 18.74 -7.43 22.67
N ILE B 90 18.93 -6.12 22.74
CA ILE B 90 19.21 -5.34 21.58
C ILE B 90 20.71 -5.09 21.35
N HIS B 91 21.15 -5.29 20.12
CA HIS B 91 22.50 -4.96 19.72
C HIS B 91 22.49 -4.09 18.50
N TYR B 92 23.41 -3.15 18.46
CA TYR B 92 23.67 -2.37 17.28
C TYR B 92 24.43 -3.16 16.23
N GLN B 93 24.05 -3.01 14.97
CA GLN B 93 24.75 -3.64 13.86
C GLN B 93 24.97 -2.61 12.77
N GLU B 94 26.23 -2.33 12.47
CA GLU B 94 26.56 -1.36 11.41
C GLU B 94 26.17 -1.81 10.05
N GLY B 95 25.78 -0.88 9.19
CA GLY B 95 25.52 -1.14 7.80
C GLY B 95 24.06 -1.58 7.60
N VAL B 96 23.72 -1.87 6.34
CA VAL B 96 22.40 -2.40 5.99
C VAL B 96 22.45 -3.92 6.08
N PRO B 97 21.51 -4.52 6.82
CA PRO B 97 21.49 -6.00 6.95
C PRO B 97 21.23 -6.59 5.57
N SER B 98 21.80 -7.76 5.31
CA SER B 98 21.61 -8.35 4.01
C SER B 98 20.20 -8.92 3.89
N TYR B 99 19.76 -9.12 2.67
CA TYR B 99 18.49 -9.77 2.37
C TYR B 99 18.34 -11.07 3.12
N ASN B 100 19.36 -11.92 3.10
CA ASN B 100 19.27 -13.21 3.81
C ASN B 100 19.21 -13.09 5.33
N GLN B 101 19.90 -12.10 5.91
CA GLN B 101 19.85 -11.90 7.34
C GLN B 101 18.44 -11.38 7.75
N VAL B 102 17.87 -10.48 6.95
CA VAL B 102 16.51 -10.01 7.26
C VAL B 102 15.49 -11.16 7.11
N ASP B 103 15.68 -12.00 6.09
CA ASP B 103 14.80 -13.14 5.88
C ASP B 103 14.80 -14.02 7.10
N GLN B 104 15.98 -14.30 7.65
CA GLN B 104 16.11 -15.22 8.80
C GLN B 104 15.61 -14.59 10.09
N LEU B 105 15.97 -13.31 10.30
CA LEU B 105 15.50 -12.58 11.50
C LEU B 105 14.00 -12.47 11.51
N THR B 106 13.41 -12.22 10.34
CA THR B 106 11.97 -12.03 10.21
C THR B 106 11.27 -13.36 10.48
N LYS B 107 11.80 -14.45 9.93
CA LYS B 107 11.22 -15.79 10.23
C LYS B 107 11.35 -16.16 11.69
N ASP B 108 12.35 -15.63 12.36
CA ASP B 108 12.60 -15.91 13.78
C ASP B 108 11.88 -14.90 14.65
N ASN B 109 11.09 -14.02 14.03
CA ASN B 109 10.26 -13.07 14.77
C ASN B 109 11.15 -12.14 15.61
N VAL B 110 12.21 -11.66 15.01
CA VAL B 110 13.11 -10.69 15.61
C VAL B 110 13.00 -9.36 14.87
N GLY B 111 12.77 -8.29 15.63
CA GLY B 111 12.57 -6.99 15.04
C GLY B 111 13.83 -6.16 14.84
N ILE B 112 13.85 -5.37 13.78
CA ILE B 112 15.01 -4.54 13.46
C ILE B 112 14.57 -3.09 13.28
N MET B 113 15.22 -2.17 14.00
CA MET B 113 15.00 -0.74 13.86
C MET B 113 16.09 -0.15 13.00
N ILE B 114 15.71 0.57 11.96
CA ILE B 114 16.62 1.27 11.07
C ILE B 114 17.05 2.59 11.71
N LEU B 115 18.37 2.80 11.74
CA LEU B 115 18.97 4.07 12.11
C LEU B 115 19.46 4.72 10.85
N ALA B 116 18.92 5.89 10.53
CA ALA B 116 19.23 6.59 9.32
C ALA B 116 19.53 8.05 9.58
N GLN B 117 20.22 8.70 8.60
CA GLN B 117 20.40 10.14 8.66
C GLN B 117 20.44 10.79 7.32
N SER B 118 20.06 12.06 7.24
CA SER B 118 19.99 12.83 6.04
C SER B 118 21.39 12.89 5.40
N VAL B 119 21.39 13.19 4.12
CA VAL B 119 22.61 13.28 3.35
C VAL B 119 23.15 14.68 3.49
N SER B 120 24.36 14.86 4.05
CA SER B 120 25.04 16.13 4.10
C SER B 120 26.32 16.13 3.26
N GLN B 121 26.21 16.57 2.03
CA GLN B 121 27.39 16.69 1.18
C GLN B 121 28.31 17.85 1.58
N ASN B 122 27.77 18.81 2.30
CA ASN B 122 28.58 19.90 2.84
C ASN B 122 28.90 19.61 4.31
N PRO B 123 30.18 19.74 4.73
CA PRO B 123 30.53 19.33 6.09
C PRO B 123 29.92 20.24 7.19
N ASN B 124 29.35 21.37 6.81
CA ASN B 124 28.78 22.29 7.77
C ASN B 124 27.26 22.07 7.92
N ASP B 125 26.70 21.13 7.15
CA ASP B 125 25.26 20.87 7.13
C ASP B 125 24.94 19.78 8.17
N PRO B 126 24.26 20.13 9.26
CA PRO B 126 23.91 19.18 10.32
C PRO B 126 23.10 18.02 9.81
N HIS B 127 23.44 16.80 10.22
CA HIS B 127 22.66 15.61 9.84
C HIS B 127 21.35 15.58 10.61
N LEU B 128 20.28 15.12 9.96
CA LEU B 128 19.00 14.91 10.65
C LEU B 128 18.85 13.39 10.84
N GLY B 129 18.78 12.97 12.08
CA GLY B 129 18.67 11.56 12.42
C GLY B 129 17.23 11.07 12.40
N HIS B 130 16.98 9.82 11.96
CA HIS B 130 15.65 9.27 11.91
C HIS B 130 15.68 7.79 12.18
N ALA B 131 14.56 7.25 12.70
CA ALA B 131 14.46 5.82 13.03
C ALA B 131 13.19 5.27 12.28
N LEU B 132 13.32 4.11 11.65
CA LEU B 132 12.20 3.48 10.92
C LEU B 132 12.18 1.99 11.29
N ALA B 133 11.12 1.24 10.92
CA ALA B 133 11.11 -0.15 11.26
C ALA B 133 11.19 -1.06 10.03
N VAL B 134 11.91 -2.16 10.16
CA VAL B 134 12.01 -3.13 9.09
C VAL B 134 10.79 -4.02 9.31
N VAL B 135 10.12 -4.37 8.22
CA VAL B 135 8.92 -5.21 8.25
C VAL B 135 9.20 -6.59 7.66
N GLY B 136 10.11 -6.67 6.72
CA GLY B 136 10.52 -7.94 6.19
C GLY B 136 11.26 -7.77 4.89
N ASN B 137 11.02 -8.69 3.96
CA ASN B 137 11.75 -8.73 2.69
C ASN B 137 10.89 -9.45 1.66
N ALA B 138 11.19 -9.22 0.40
CA ALA B 138 10.42 -9.80 -0.70
C ALA B 138 11.31 -9.90 -1.91
N LYS B 139 10.92 -10.78 -2.83
CA LYS B 139 11.52 -10.82 -4.17
C LYS B 139 10.43 -10.37 -5.10
N ILE B 140 10.64 -9.25 -5.74
CA ILE B 140 9.70 -8.66 -6.66
C ILE B 140 10.45 -8.40 -7.98
N ASN B 141 9.84 -8.85 -9.08
CA ASN B 141 10.44 -8.69 -10.42
C ASN B 141 11.89 -9.19 -10.43
N ASP B 142 12.09 -10.32 -9.80
CA ASP B 142 13.40 -10.98 -9.64
C ASP B 142 14.46 -10.16 -8.95
N GLN B 143 14.06 -9.16 -8.18
CA GLN B 143 14.99 -8.31 -7.42
C GLN B 143 14.71 -8.47 -5.90
N GLU B 144 15.76 -8.58 -5.09
CA GLU B 144 15.65 -8.73 -3.65
C GLU B 144 15.41 -7.36 -3.04
N LYS B 145 14.34 -7.26 -2.24
CA LYS B 145 13.89 -6.00 -1.60
C LYS B 145 13.75 -6.16 -0.10
N LEU B 146 13.91 -5.05 0.63
CA LEU B 146 13.56 -5.00 2.03
C LEU B 146 12.28 -4.14 2.16
N ILE B 147 11.42 -4.53 3.07
CA ILE B 147 10.18 -3.81 3.30
C ILE B 147 10.33 -3.09 4.62
N TYR B 148 9.96 -1.81 4.65
CA TYR B 148 10.07 -1.03 5.87
C TYR B 148 8.94 -0.07 6.07
N TRP B 149 8.89 0.52 7.28
CA TRP B 149 7.85 1.47 7.64
C TRP B 149 8.52 2.71 8.21
N ASN B 150 8.29 3.85 7.54
CA ASN B 150 8.66 5.13 8.07
C ASN B 150 7.48 5.62 8.89
N PRO B 151 7.71 5.93 10.18
CA PRO B 151 6.65 6.42 11.07
C PRO B 151 5.87 7.60 10.47
N TRP B 152 6.51 8.38 9.59
CA TRP B 152 5.79 9.47 8.92
C TRP B 152 4.58 9.02 8.10
N ASP B 153 4.55 7.76 7.70
CA ASP B 153 3.59 7.26 6.71
C ASP B 153 2.55 6.29 7.28
N THR B 154 1.46 6.08 6.50
CA THR B 154 0.44 5.10 6.90
C THR B 154 0.51 3.85 6.05
N GLU B 155 1.58 3.72 5.29
CA GLU B 155 1.79 2.57 4.45
C GLU B 155 3.22 2.13 4.45
N LEU B 156 3.46 0.90 3.95
CA LEU B 156 4.83 0.35 3.94
C LEU B 156 5.61 0.90 2.74
N SER B 157 6.91 0.69 2.75
CA SER B 157 7.78 1.14 1.73
C SER B 157 8.66 -0.02 1.31
N ILE B 158 9.26 0.06 0.13
CA ILE B 158 10.15 -0.99 -0.37
C ILE B 158 11.50 -0.41 -0.73
N GLN B 159 12.58 -1.10 -0.32
CA GLN B 159 13.95 -0.65 -0.48
C GLN B 159 14.77 -1.72 -1.22
N ASP B 160 15.53 -1.32 -2.26
CA ASP B 160 16.40 -2.29 -2.91
C ASP B 160 17.35 -2.74 -1.85
N ALA B 161 17.48 -4.05 -1.72
CA ALA B 161 18.33 -4.62 -0.70
C ALA B 161 19.77 -4.17 -0.86
N ASP B 162 20.19 -3.82 -2.08
CA ASP B 162 21.61 -3.48 -2.30
C ASP B 162 21.97 -1.99 -2.18
N SER B 163 21.12 -1.20 -1.50
CA SER B 163 21.31 0.25 -1.39
C SER B 163 21.06 0.68 0.04
N SER B 164 21.94 1.53 0.58
CA SER B 164 21.67 2.23 1.86
C SER B 164 20.84 3.51 1.71
N LEU B 165 20.56 3.96 0.48
CA LEU B 165 19.86 5.23 0.28
C LEU B 165 18.33 5.06 0.28
N LEU B 166 17.68 5.53 1.34
CA LEU B 166 16.25 5.44 1.47
C LEU B 166 15.60 6.69 0.90
N HIS B 167 14.57 6.48 0.09
CA HIS B 167 13.90 7.58 -0.57
C HIS B 167 12.59 7.75 0.14
N LEU B 168 12.58 8.69 1.07
CA LEU B 168 11.43 8.84 1.97
C LEU B 168 10.43 9.78 1.37
N SER B 169 9.26 9.79 1.94
CA SER B 169 8.16 10.75 1.60
C SER B 169 8.63 12.19 1.71
N PHE B 170 7.90 13.11 1.04
CA PHE B 170 8.34 14.51 0.92
C PHE B 170 9.71 14.65 0.22
N ASN B 171 10.03 13.65 -0.62
CA ASN B 171 11.26 13.64 -1.39
C ASN B 171 12.48 13.87 -0.54
N ARG B 172 12.55 13.22 0.64
CA ARG B 172 13.68 13.33 1.52
C ARG B 172 14.56 12.06 1.44
N ASP B 173 15.84 12.23 1.27
CA ASP B 173 16.76 11.11 1.16
C ASP B 173 17.58 10.89 2.41
N TYR B 174 17.58 9.68 2.93
CA TYR B 174 18.33 9.39 4.13
C TYR B 174 19.19 8.11 3.91
N ASN B 175 20.33 8.09 4.54
CA ASN B 175 21.20 6.93 4.47
C ASN B 175 20.96 6.04 5.69
N TRP B 176 20.70 4.77 5.43
CA TRP B 176 20.61 3.72 6.43
C TRP B 176 22.00 3.31 6.85
N TYR B 177 22.43 3.74 8.03
CA TYR B 177 23.79 3.56 8.45
C TYR B 177 24.02 2.37 9.38
N GLY B 178 22.98 1.94 10.06
CA GLY B 178 23.04 0.85 11.01
C GLY B 178 21.64 0.46 11.46
N SER B 179 21.54 -0.50 12.36
CA SER B 179 20.29 -0.99 12.86
C SER B 179 20.41 -1.43 14.29
N MET B 180 19.32 -1.30 15.05
CA MET B 180 19.24 -1.88 16.38
C MET B 180 18.41 -3.14 16.21
N ILE B 181 19.02 -4.30 16.48
CA ILE B 181 18.44 -5.60 16.22
C ILE B 181 18.07 -6.29 17.52
N GLY B 182 16.85 -6.82 17.58
CA GLY B 182 16.45 -7.64 18.69
C GLY B 182 15.11 -7.43 19.31
N TYR B 183 14.31 -6.56 18.74
CA TYR B 183 13.00 -6.26 19.31
C TYR B 183 11.99 -7.38 19.11
N GLY C 1 14.00 -26.12 -18.28
CA GLY C 1 13.96 -27.37 -19.07
C GLY C 1 12.64 -28.01 -18.74
N SER C 2 11.62 -27.61 -19.47
CA SER C 2 10.26 -28.07 -19.07
C SER C 2 9.16 -27.75 -20.09
N MET C 3 8.25 -28.71 -20.27
CA MET C 3 7.15 -28.63 -21.22
C MET C 3 6.14 -27.56 -20.83
N TYR C 4 5.45 -27.00 -21.83
CA TYR C 4 4.35 -26.06 -21.65
C TYR C 4 3.05 -26.87 -21.97
N GLN C 5 1.90 -26.41 -21.51
CA GLN C 5 0.64 -26.89 -22.08
C GLN C 5 0.15 -25.89 -23.18
N LEU C 6 -0.26 -26.39 -24.31
CA LEU C 6 -0.72 -25.58 -25.40
C LEU C 6 -2.23 -25.83 -25.59
N GLN C 7 -3.01 -24.76 -25.50
CA GLN C 7 -4.44 -24.75 -25.74
C GLN C 7 -4.59 -24.15 -27.17
N PHE C 8 -5.11 -24.93 -28.11
CA PHE C 8 -5.48 -24.47 -29.43
C PHE C 8 -6.89 -23.83 -29.32
N ILE C 9 -7.03 -22.62 -29.84
CA ILE C 9 -8.29 -21.88 -29.82
C ILE C 9 -8.69 -21.54 -31.22
N ASN C 10 -9.57 -22.33 -31.77
CA ASN C 10 -10.09 -22.04 -33.09
C ASN C 10 -11.45 -21.33 -33.02
N LEU C 11 -11.43 -20.02 -33.18
CA LEU C 11 -12.61 -19.18 -33.10
C LEU C 11 -13.41 -19.34 -34.39
N VAL C 12 -14.71 -19.51 -34.25
CA VAL C 12 -15.60 -19.63 -35.40
C VAL C 12 -16.46 -18.37 -35.44
N TYR C 13 -16.39 -17.61 -36.51
CA TYR C 13 -17.29 -16.48 -36.66
C TYR C 13 -17.43 -16.19 -38.18
N ASP C 14 -18.58 -15.63 -38.58
CA ASP C 14 -18.84 -15.32 -39.99
C ASP C 14 -18.30 -13.93 -40.29
N THR C 15 -17.10 -13.92 -40.87
CA THR C 15 -16.44 -12.70 -41.26
C THR C 15 -17.40 -11.74 -41.93
N THR C 16 -18.42 -12.38 -42.53
CA THR C 16 -19.46 -11.68 -43.26
C THR C 16 -20.36 -10.80 -42.37
N LYS C 17 -20.62 -11.22 -41.13
CA LYS C 17 -21.59 -10.54 -40.27
C LYS C 17 -21.01 -9.40 -39.36
N LEU C 18 -19.77 -8.95 -39.61
CA LEU C 18 -19.06 -8.06 -38.66
C LEU C 18 -18.78 -6.70 -39.26
N THR C 19 -18.83 -5.65 -38.43
CA THR C 19 -18.30 -4.34 -38.88
C THR C 19 -16.80 -4.42 -39.07
N HIS C 20 -16.22 -3.45 -39.77
CA HIS C 20 -14.76 -3.49 -39.91
C HIS C 20 -14.03 -3.31 -38.60
N LEU C 21 -14.56 -2.48 -37.72
CA LEU C 21 -13.96 -2.30 -36.41
C LEU C 21 -13.93 -3.65 -35.67
N GLU C 22 -15.06 -4.36 -35.70
CA GLU C 22 -15.16 -5.69 -35.09
C GLU C 22 -14.07 -6.57 -35.66
N GLN C 23 -13.92 -6.58 -36.99
CA GLN C 23 -12.92 -7.47 -37.62
C GLN C 23 -11.51 -7.11 -37.19
N THR C 24 -11.16 -5.81 -37.26
CA THR C 24 -9.86 -5.38 -36.77
C THR C 24 -9.68 -5.85 -35.32
N ASN C 25 -10.75 -5.75 -34.52
CA ASN C 25 -10.66 -6.07 -33.10
C ASN C 25 -10.34 -7.59 -32.86
N ILE C 26 -11.08 -8.48 -33.51
CA ILE C 26 -10.81 -9.90 -33.40
C ILE C 26 -9.41 -10.27 -33.83
N ASN C 27 -9.03 -9.77 -35.00
CA ASN C 27 -7.72 -10.00 -35.59
C ASN C 27 -6.58 -9.69 -34.64
N LEU C 28 -6.81 -8.81 -33.67
CA LEU C 28 -5.74 -8.49 -32.75
C LEU C 28 -5.25 -9.75 -32.02
N PHE C 29 -6.12 -10.73 -31.86
CA PHE C 29 -5.85 -11.88 -30.98
C PHE C 29 -5.30 -13.10 -31.75
N ILE C 30 -5.42 -13.08 -33.07
CA ILE C 30 -4.91 -14.19 -33.91
C ILE C 30 -3.38 -14.23 -33.82
N GLY C 31 -2.85 -15.40 -33.50
CA GLY C 31 -1.41 -15.53 -33.29
C GLY C 31 -1.08 -16.56 -32.22
N ASN C 32 0.18 -16.66 -31.85
CA ASN C 32 0.58 -17.61 -30.86
C ASN C 32 1.12 -16.83 -29.70
N TRP C 33 0.75 -17.26 -28.48
CA TRP C 33 1.05 -16.46 -27.29
C TRP C 33 1.39 -17.37 -26.12
N SER C 34 2.25 -16.90 -25.21
CA SER C 34 2.70 -17.65 -24.05
C SER C 34 2.85 -16.85 -22.77
N ASN C 35 2.67 -17.56 -21.68
CA ASN C 35 2.99 -17.13 -20.35
C ASN C 35 4.05 -18.06 -19.76
N HIS C 36 5.20 -17.49 -19.43
CA HIS C 36 6.34 -18.27 -18.96
C HIS C 36 6.22 -18.81 -17.52
N GLN C 37 5.58 -18.11 -16.61
CA GLN C 37 5.34 -18.64 -15.25
C GLN C 37 4.37 -19.81 -15.15
N LEU C 38 3.30 -19.78 -15.93
CA LEU C 38 2.34 -20.85 -15.93
C LEU C 38 2.72 -21.95 -16.85
N GLN C 39 3.75 -21.70 -17.68
CA GLN C 39 4.11 -22.58 -18.75
C GLN C 39 2.90 -22.98 -19.58
N LYS C 40 2.14 -21.95 -19.96
CA LYS C 40 0.98 -22.13 -20.83
C LYS C 40 1.17 -21.34 -22.10
N SER C 41 0.65 -21.86 -23.17
CA SER C 41 0.69 -21.19 -24.43
C SER C 41 -0.67 -21.37 -25.15
N ILE C 42 -1.07 -20.37 -25.93
CA ILE C 42 -2.32 -20.43 -26.70
C ILE C 42 -2.05 -20.09 -28.18
N CYS C 43 -2.72 -20.82 -29.06
CA CYS C 43 -2.60 -20.67 -30.49
C CYS C 43 -3.98 -20.35 -30.99
N ILE C 44 -4.20 -19.08 -31.25
CA ILE C 44 -5.51 -18.59 -31.63
C ILE C 44 -5.60 -18.40 -33.15
N ARG C 45 -6.61 -18.97 -33.74
CA ARG C 45 -6.84 -18.90 -35.18
C ARG C 45 -8.32 -18.71 -35.42
N HIS C 46 -8.61 -18.19 -36.60
CA HIS C 46 -9.94 -18.21 -37.15
C HIS C 46 -10.17 -19.59 -37.74
N GLY C 47 -10.92 -20.44 -37.06
CA GLY C 47 -11.27 -21.75 -37.56
C GLY C 47 -12.52 -21.73 -38.46
N ASP C 48 -13.15 -22.89 -38.59
CA ASP C 48 -14.35 -23.03 -39.42
C ASP C 48 -15.27 -24.11 -38.85
N ASP C 49 -16.33 -24.43 -39.58
CA ASP C 49 -17.29 -25.45 -39.16
C ASP C 49 -16.64 -26.81 -38.97
N THR C 50 -15.48 -26.98 -39.61
CA THR C 50 -14.77 -28.28 -39.61
C THR C 50 -13.56 -28.40 -38.64
N SER C 51 -13.08 -27.30 -38.04
CA SER C 51 -11.93 -27.35 -37.13
C SER C 51 -12.28 -28.15 -35.89
N HIS C 52 -11.26 -28.62 -35.18
CA HIS C 52 -11.42 -29.10 -33.79
C HIS C 52 -11.05 -27.94 -32.82
N ASN C 53 -11.19 -28.17 -31.52
CA ASN C 53 -10.95 -27.13 -30.49
C ASN C 53 -11.68 -25.83 -30.85
N GLN C 54 -12.96 -25.97 -31.14
CA GLN C 54 -13.75 -24.85 -31.58
C GLN C 54 -14.21 -24.01 -30.40
N TYR C 55 -14.28 -22.70 -30.62
CA TYR C 55 -14.81 -21.80 -29.61
C TYR C 55 -15.77 -20.82 -30.28
N HIS C 56 -16.88 -20.61 -29.60
CA HIS C 56 -17.93 -19.69 -30.04
C HIS C 56 -17.71 -18.27 -29.49
N ILE C 57 -17.76 -17.25 -30.35
CA ILE C 57 -17.68 -15.87 -29.91
C ILE C 57 -19.00 -15.40 -29.32
N LEU C 58 -18.97 -14.97 -28.07
CA LEU C 58 -20.18 -14.47 -27.42
C LEU C 58 -20.37 -13.01 -27.72
N PHE C 59 -19.29 -12.23 -27.65
CA PHE C 59 -19.35 -10.79 -27.82
C PHE C 59 -18.02 -10.20 -28.26
N ILE C 60 -18.08 -9.23 -29.20
CA ILE C 60 -16.89 -8.46 -29.56
C ILE C 60 -16.97 -7.09 -28.99
N ASP C 61 -16.05 -6.74 -28.12
CA ASP C 61 -16.11 -5.48 -27.41
C ASP C 61 -15.08 -4.49 -27.95
N THR C 62 -15.48 -3.75 -28.98
CA THR C 62 -14.57 -2.79 -29.60
C THR C 62 -14.16 -1.65 -28.69
N ALA C 63 -15.03 -1.26 -27.75
CA ALA C 63 -14.70 -0.17 -26.84
C ALA C 63 -13.51 -0.50 -25.97
N HIS C 64 -13.36 -1.76 -25.55
CA HIS C 64 -12.25 -2.08 -24.66
C HIS C 64 -11.21 -2.98 -25.36
N GLN C 65 -11.36 -3.17 -26.68
CA GLN C 65 -10.46 -3.98 -27.49
C GLN C 65 -10.41 -5.40 -26.90
N ARG C 66 -11.54 -6.05 -26.93
CA ARG C 66 -11.76 -7.29 -26.15
C ARG C 66 -12.75 -8.21 -26.82
N ILE C 67 -12.62 -9.52 -26.60
CA ILE C 67 -13.59 -10.47 -27.07
C ILE C 67 -13.92 -11.42 -25.90
N LYS C 68 -15.13 -11.92 -25.85
CA LYS C 68 -15.62 -12.91 -24.90
C LYS C 68 -16.05 -14.11 -25.71
N PHE C 69 -15.64 -15.28 -25.25
CA PHE C 69 -15.93 -16.52 -25.97
C PHE C 69 -15.99 -17.73 -25.04
N SER C 70 -16.56 -18.82 -25.52
CA SER C 70 -16.64 -20.07 -24.80
C SER C 70 -16.35 -21.25 -25.73
N SER C 71 -15.91 -22.35 -25.15
CA SER C 71 -15.71 -23.55 -25.94
C SER C 71 -17.06 -24.12 -26.28
N PHE C 72 -17.14 -24.70 -27.46
CA PHE C 72 -18.35 -25.42 -27.89
C PHE C 72 -18.78 -26.45 -26.85
N ASP C 73 -17.85 -27.08 -26.13
CA ASP C 73 -18.22 -28.14 -25.20
C ASP C 73 -18.35 -27.76 -23.72
N ASN C 74 -18.20 -26.48 -23.38
CA ASN C 74 -18.46 -26.08 -22.01
C ASN C 74 -18.90 -24.63 -21.96
N GLU C 75 -20.20 -24.40 -21.94
CA GLU C 75 -20.74 -23.05 -21.93
C GLU C 75 -20.63 -22.41 -20.53
N GLU C 76 -20.24 -23.17 -19.52
CA GLU C 76 -20.15 -22.62 -18.16
C GLU C 76 -18.83 -21.86 -17.92
N ILE C 77 -17.90 -21.88 -18.87
CA ILE C 77 -16.65 -21.14 -18.75
C ILE C 77 -16.62 -20.08 -19.79
N ILE C 78 -16.50 -18.83 -19.37
CA ILE C 78 -16.36 -17.71 -20.28
C ILE C 78 -14.91 -17.21 -20.31
N TYR C 79 -14.31 -17.13 -21.51
CA TYR C 79 -13.01 -16.52 -21.65
C TYR C 79 -13.15 -15.05 -22.05
N ILE C 80 -12.34 -14.19 -21.46
CA ILE C 80 -12.25 -12.80 -21.86
C ILE C 80 -10.87 -12.48 -22.27
N LEU C 81 -10.68 -12.07 -23.54
CA LEU C 81 -9.36 -11.64 -24.00
C LEU C 81 -9.35 -10.12 -24.20
N ASP C 82 -8.37 -9.44 -23.61
CA ASP C 82 -8.16 -8.01 -23.82
C ASP C 82 -6.83 -7.79 -24.53
N TYR C 83 -6.85 -6.87 -25.47
CA TYR C 83 -5.66 -6.47 -26.18
C TYR C 83 -4.88 -5.42 -25.41
N ASP C 84 -3.58 -5.64 -25.18
CA ASP C 84 -2.72 -4.63 -24.59
C ASP C 84 -1.82 -3.91 -25.64
N ASP C 85 -0.88 -4.62 -26.23
CA ASP C 85 -0.09 -4.15 -27.40
C ASP C 85 0.21 -5.34 -28.30
N THR C 86 0.83 -5.08 -29.45
CA THR C 86 0.98 -6.11 -30.46
C THR C 86 1.71 -7.30 -29.86
N GLN C 87 2.54 -7.09 -28.84
CA GLN C 87 3.26 -8.20 -28.21
C GLN C 87 2.59 -8.77 -26.92
N HIS C 88 1.41 -8.28 -26.55
CA HIS C 88 0.79 -8.73 -25.30
C HIS C 88 -0.72 -8.69 -25.35
N ILE C 89 -1.33 -9.77 -24.87
CA ILE C 89 -2.77 -9.79 -24.67
C ILE C 89 -3.01 -10.35 -23.27
N LEU C 90 -4.22 -10.15 -22.74
CA LEU C 90 -4.58 -10.61 -21.39
C LEU C 90 -5.75 -11.56 -21.50
N MET C 91 -5.64 -12.71 -20.87
CA MET C 91 -6.72 -13.64 -20.87
C MET C 91 -7.24 -13.82 -19.44
N GLN C 92 -8.54 -13.78 -19.33
CA GLN C 92 -9.23 -13.98 -18.05
C GLN C 92 -10.29 -15.04 -18.28
N THR C 93 -10.61 -15.79 -17.23
CA THR C 93 -11.70 -16.72 -17.24
C THR C 93 -12.73 -16.36 -16.15
N SER C 94 -13.96 -16.78 -16.36
CA SER C 94 -15.02 -16.60 -15.38
C SER C 94 -16.01 -17.73 -15.60
N SER C 95 -16.98 -17.88 -14.73
CA SER C 95 -18.01 -18.91 -14.89
C SER C 95 -19.28 -18.18 -15.39
N LYS C 96 -20.21 -18.93 -15.95
CA LYS C 96 -21.43 -18.40 -16.49
C LYS C 96 -22.46 -18.06 -15.42
N GLN C 97 -22.54 -18.91 -14.41
CA GLN C 97 -23.59 -18.83 -13.47
C GLN C 97 -23.13 -18.48 -12.05
N GLY C 98 -21.85 -18.66 -11.77
CA GLY C 98 -21.33 -18.46 -10.43
C GLY C 98 -20.66 -17.15 -10.26
N ILE C 99 -19.95 -17.01 -9.15
CA ILE C 99 -19.33 -15.77 -8.80
C ILE C 99 -17.83 -16.10 -8.61
N GLY C 100 -17.00 -15.39 -9.36
CA GLY C 100 -15.58 -15.51 -9.28
C GLY C 100 -14.99 -15.40 -10.64
N THR C 101 -14.08 -14.43 -10.79
CA THR C 101 -13.41 -14.20 -12.06
C THR C 101 -11.91 -14.23 -11.82
N SER C 102 -11.19 -14.82 -12.77
CA SER C 102 -9.74 -14.89 -12.65
C SER C 102 -9.05 -13.52 -12.80
N ARG C 103 -7.82 -13.45 -12.33
CA ARG C 103 -6.93 -12.33 -12.65
C ARG C 103 -6.69 -12.36 -14.14
N PRO C 104 -6.65 -11.20 -14.78
CA PRO C 104 -6.18 -11.17 -16.17
C PRO C 104 -4.74 -11.69 -16.22
N ILE C 105 -4.47 -12.62 -17.12
CA ILE C 105 -3.17 -13.24 -17.22
C ILE C 105 -2.49 -12.72 -18.49
N VAL C 106 -1.29 -12.20 -18.34
CA VAL C 106 -0.53 -11.70 -19.48
C VAL C 106 0.09 -12.82 -20.34
N TYR C 107 -0.23 -12.83 -21.62
CA TYR C 107 0.39 -13.74 -22.61
C TYR C 107 1.14 -12.86 -23.62
N GLU C 108 2.41 -13.20 -23.86
CA GLU C 108 3.23 -12.45 -24.83
C GLU C 108 3.45 -13.21 -26.11
N ARG C 109 3.53 -12.48 -27.23
CA ARG C 109 3.62 -13.11 -28.55
C ARG C 109 4.82 -14.01 -28.68
N LEU C 110 4.69 -15.04 -29.49
CA LEU C 110 5.81 -15.91 -29.77
C LEU C 110 5.67 -16.46 -31.18
N VAL C 111 6.37 -17.57 -31.41
CA VAL C 111 6.33 -18.27 -32.70
C VAL C 111 7.20 -17.58 -33.75
N GLY D 1 -14.20 29.24 15.56
CA GLY D 1 -12.88 28.57 15.53
C GLY D 1 -12.08 28.80 16.80
N SER D 2 -11.26 27.83 17.17
CA SER D 2 -10.37 28.01 18.31
C SER D 2 -9.21 28.95 17.89
N MET D 3 -8.44 29.35 18.88
CA MET D 3 -7.21 30.11 18.67
C MET D 3 -6.17 29.23 17.92
N TYR D 4 -5.25 29.87 17.20
CA TYR D 4 -4.11 29.20 16.61
C TYR D 4 -2.95 29.43 17.54
N GLN D 5 -1.92 28.58 17.50
CA GLN D 5 -0.72 28.88 18.26
C GLN D 5 0.20 29.62 17.27
N LEU D 6 0.83 30.69 17.73
CA LEU D 6 1.67 31.48 16.82
C LEU D 6 3.10 31.50 17.35
N GLN D 7 4.04 31.05 16.50
CA GLN D 7 5.46 31.00 16.83
C GLN D 7 6.11 32.14 16.03
N PHE D 8 6.72 33.11 16.69
CA PHE D 8 7.46 34.17 15.96
C PHE D 8 8.89 33.66 15.77
N ILE D 9 9.38 33.76 14.54
CA ILE D 9 10.73 33.32 14.24
C ILE D 9 11.48 34.56 13.70
N ASN D 10 12.35 35.14 14.51
CA ASN D 10 13.20 36.24 14.09
C ASN D 10 14.59 35.76 13.80
N LEU D 11 14.85 35.50 12.53
CA LEU D 11 16.16 34.97 12.12
C LEU D 11 17.17 36.09 12.24
N VAL D 12 18.24 35.83 12.95
CA VAL D 12 19.36 36.75 13.17
C VAL D 12 20.57 36.26 12.36
N TYR D 13 21.09 37.16 11.53
CA TYR D 13 22.24 36.87 10.72
C TYR D 13 22.87 38.13 10.16
N ASP D 14 24.22 38.14 10.06
CA ASP D 14 24.90 39.28 9.44
C ASP D 14 24.90 39.08 7.93
N THR D 15 24.11 39.90 7.23
CA THR D 15 24.00 39.78 5.77
C THR D 15 25.30 40.07 5.04
N THR D 16 26.03 41.10 5.50
CA THR D 16 27.30 41.41 4.84
C THR D 16 28.18 40.15 4.88
N LYS D 17 27.78 39.09 5.57
CA LYS D 17 28.66 37.91 5.60
C LYS D 17 28.11 36.71 4.78
N LEU D 18 27.17 36.96 3.87
CA LEU D 18 26.48 35.88 3.16
C LEU D 18 26.38 36.07 1.65
N THR D 19 26.24 34.98 0.91
CA THR D 19 26.10 35.02 -0.56
C THR D 19 24.77 35.70 -0.95
N HIS D 20 24.51 35.82 -2.27
CA HIS D 20 23.30 36.44 -2.82
C HIS D 20 22.19 35.39 -3.00
N LEU D 21 22.55 34.25 -3.63
CA LEU D 21 21.62 33.15 -3.70
C LEU D 21 21.22 32.81 -2.24
N GLU D 22 22.17 32.95 -1.34
CA GLU D 22 21.96 32.61 0.09
C GLU D 22 20.91 33.57 0.72
N GLN D 23 21.15 34.87 0.60
CA GLN D 23 20.14 35.86 1.02
C GLN D 23 18.80 35.64 0.32
N THR D 24 18.81 35.36 -0.99
CA THR D 24 17.58 35.08 -1.70
C THR D 24 16.88 33.84 -1.19
N ASN D 25 17.63 32.81 -0.75
CA ASN D 25 16.97 31.59 -0.27
C ASN D 25 16.28 31.85 1.10
N ILE D 26 16.95 32.55 1.98
CA ILE D 26 16.35 32.91 3.28
C ILE D 26 15.09 33.69 2.99
N ASN D 27 15.13 34.61 2.00
CA ASN D 27 13.96 35.45 1.70
C ASN D 27 12.74 34.74 1.26
N LEU D 28 12.89 33.52 0.74
CA LEU D 28 11.76 32.70 0.38
C LEU D 28 10.82 32.38 1.57
N PHE D 29 11.35 32.41 2.78
CA PHE D 29 10.61 31.97 3.94
C PHE D 29 10.05 33.15 4.74
N ILE D 30 10.52 34.36 4.45
CA ILE D 30 10.05 35.52 5.19
C ILE D 30 8.58 35.72 4.87
N GLY D 31 7.75 35.78 5.89
CA GLY D 31 6.32 35.94 5.72
C GLY D 31 5.49 35.41 6.85
N ASN D 32 4.19 35.28 6.61
CA ASN D 32 3.27 34.78 7.58
C ASN D 32 2.66 33.55 6.98
N TRP D 33 2.67 32.49 7.77
CA TRP D 33 2.28 31.16 7.30
C TRP D 33 1.43 30.42 8.28
N SER D 34 0.48 29.61 7.78
CA SER D 34 -0.34 28.81 8.67
C SER D 34 -0.64 27.38 8.14
N ASN D 35 -0.77 26.50 9.10
CA ASN D 35 -1.28 25.16 8.88
C ASN D 35 -2.70 25.09 9.44
N HIS D 36 -3.65 25.15 8.50
CA HIS D 36 -5.12 25.20 8.68
C HIS D 36 -5.57 24.08 9.61
N GLN D 37 -4.73 23.04 9.64
CA GLN D 37 -5.02 21.73 10.19
C GLN D 37 -4.54 21.43 11.62
N LEU D 38 -3.35 21.89 12.01
CA LEU D 38 -2.93 21.78 13.43
C LEU D 38 -3.21 23.09 14.16
N GLN D 39 -3.81 24.03 13.44
CA GLN D 39 -4.05 25.38 13.96
C GLN D 39 -2.75 25.98 14.52
N LYS D 40 -1.76 25.98 13.64
CA LYS D 40 -0.46 26.54 13.91
C LYS D 40 -0.10 27.60 12.90
N SER D 41 0.65 28.59 13.36
CA SER D 41 1.06 29.65 12.48
C SER D 41 2.47 30.11 12.81
N ILE D 42 3.20 30.55 11.77
CA ILE D 42 4.53 31.05 11.97
C ILE D 42 4.68 32.41 11.30
N CYS D 43 5.45 33.26 11.96
CA CYS D 43 5.73 34.59 11.44
C CYS D 43 7.22 34.68 11.37
N ILE D 44 7.78 34.61 10.15
CA ILE D 44 9.22 34.61 9.96
C ILE D 44 9.73 35.96 9.46
N ARG D 45 10.72 36.49 10.15
CA ARG D 45 11.30 37.77 9.80
C ARG D 45 12.79 37.77 10.03
N HIS D 46 13.43 38.71 9.37
CA HIS D 46 14.78 38.99 9.63
C HIS D 46 14.82 39.98 10.76
N GLY D 47 15.24 39.53 11.91
CA GLY D 47 15.34 40.39 13.05
C GLY D 47 16.76 40.77 13.31
N ASP D 48 17.06 41.19 14.53
CA ASP D 48 18.40 41.57 14.92
C ASP D 48 18.71 41.33 16.38
N ASP D 49 19.79 41.98 16.83
CA ASP D 49 20.38 41.87 18.16
C ASP D 49 19.42 42.20 19.28
N THR D 50 18.42 43.03 18.99
CA THR D 50 17.47 43.45 19.99
C THR D 50 16.17 42.67 19.92
N SER D 51 16.03 41.80 18.92
CA SER D 51 14.76 41.08 18.70
C SER D 51 14.49 40.14 19.85
N HIS D 52 13.22 39.84 20.08
CA HIS D 52 12.85 38.69 20.91
C HIS D 52 12.69 37.48 19.97
N ASN D 53 12.52 36.29 20.51
CA ASN D 53 12.31 35.12 19.65
C ASN D 53 13.39 34.97 18.58
N GLN D 54 14.64 35.10 18.98
CA GLN D 54 15.75 35.04 18.06
C GLN D 54 16.14 33.58 17.69
N TYR D 55 16.43 33.37 16.43
CA TYR D 55 16.94 32.11 15.91
C TYR D 55 18.21 32.34 15.11
N HIS D 56 19.11 31.40 15.20
CA HIS D 56 20.40 31.41 14.54
C HIS D 56 20.37 30.38 13.40
N ILE D 57 20.89 30.79 12.25
CA ILE D 57 20.96 29.94 11.08
C ILE D 57 22.15 29.01 11.14
N LEU D 58 21.89 27.71 10.98
CA LEU D 58 22.93 26.67 11.01
C LEU D 58 23.50 26.39 9.62
N PHE D 59 22.65 26.39 8.64
CA PHE D 59 23.06 26.08 7.28
C PHE D 59 22.02 26.55 6.29
N ILE D 60 22.48 27.13 5.18
CA ILE D 60 21.60 27.52 4.11
C ILE D 60 21.96 26.69 2.92
N ASP D 61 20.98 25.99 2.40
CA ASP D 61 21.12 24.99 1.37
C ASP D 61 20.35 25.38 0.09
N THR D 62 21.09 26.02 -0.80
CA THR D 62 20.67 26.47 -2.13
C THR D 62 19.80 25.55 -2.94
N ALA D 63 20.29 24.30 -3.07
CA ALA D 63 19.85 23.40 -4.14
C ALA D 63 18.58 22.68 -3.75
N HIS D 64 18.32 22.62 -2.45
CA HIS D 64 17.04 22.10 -2.03
C HIS D 64 16.15 23.23 -1.51
N GLN D 65 16.71 24.44 -1.57
CA GLN D 65 16.09 25.66 -1.10
C GLN D 65 15.59 25.38 0.31
N ARG D 66 16.56 25.19 1.19
CA ARG D 66 16.27 24.78 2.56
C ARG D 66 17.16 25.49 3.49
N ILE D 67 16.66 25.80 4.71
CA ILE D 67 17.48 26.36 5.72
C ILE D 67 17.24 25.58 7.03
N LYS D 68 18.27 25.53 7.83
CA LYS D 68 18.24 24.87 9.11
C LYS D 68 18.63 25.90 10.12
N PHE D 69 17.93 25.93 11.25
CA PHE D 69 18.20 26.95 12.24
C PHE D 69 17.80 26.46 13.62
N SER D 70 18.25 27.19 14.64
CA SER D 70 17.93 26.84 16.00
C SER D 70 17.62 28.06 16.84
N SER D 71 16.90 27.87 17.95
CA SER D 71 16.50 29.02 18.74
C SER D 71 17.68 29.29 19.61
N PHE D 72 17.89 30.57 19.90
CA PHE D 72 18.99 31.01 20.73
C PHE D 72 19.00 30.30 22.08
N ASP D 73 17.83 29.95 22.60
CA ASP D 73 17.71 29.31 23.90
C ASP D 73 17.61 27.78 23.95
N ASN D 74 17.72 27.07 22.82
CA ASN D 74 17.71 25.61 22.85
C ASN D 74 18.50 25.04 21.69
N GLU D 75 19.74 24.71 21.93
CA GLU D 75 20.60 24.26 20.86
C GLU D 75 20.19 22.84 20.41
N GLU D 76 19.38 22.14 21.19
CA GLU D 76 19.07 20.74 20.86
C GLU D 76 18.10 20.57 19.72
N ILE D 77 17.24 21.55 19.52
CA ILE D 77 16.25 21.43 18.47
C ILE D 77 16.67 22.14 17.22
N ILE D 78 16.69 21.41 16.14
CA ILE D 78 17.01 21.98 14.83
C ILE D 78 15.67 22.10 14.10
N TYR D 79 15.41 23.24 13.52
CA TYR D 79 14.28 23.46 12.63
C TYR D 79 14.74 23.47 11.20
N ILE D 80 13.95 22.91 10.31
CA ILE D 80 14.29 22.76 8.92
C ILE D 80 13.08 23.27 8.11
N LEU D 81 13.32 24.27 7.32
CA LEU D 81 12.33 24.81 6.37
C LEU D 81 12.74 24.49 4.93
N ASP D 82 11.82 23.95 4.20
CA ASP D 82 11.92 23.67 2.77
C ASP D 82 10.90 24.48 1.95
N TYR D 83 11.40 25.11 0.91
CA TYR D 83 10.57 25.89 0.02
C TYR D 83 9.90 24.95 -0.96
N ASP D 84 8.59 25.06 -1.06
CA ASP D 84 7.83 24.40 -2.13
C ASP D 84 7.75 25.46 -3.24
N ASP D 85 6.88 26.47 -3.06
CA ASP D 85 6.77 27.62 -3.97
C ASP D 85 6.32 28.83 -3.14
N THR D 86 6.10 29.98 -3.80
CA THR D 86 5.72 31.21 -3.09
C THR D 86 4.59 31.13 -2.06
N GLN D 87 3.68 30.17 -2.21
CA GLN D 87 2.58 30.00 -1.25
C GLN D 87 2.70 28.83 -0.21
N HIS D 88 3.80 28.06 -0.24
CA HIS D 88 3.91 26.84 0.57
C HIS D 88 5.33 26.55 0.94
N ILE D 89 5.56 26.43 2.24
CA ILE D 89 6.82 25.98 2.78
C ILE D 89 6.52 24.85 3.72
N LEU D 90 7.53 24.02 3.98
CA LEU D 90 7.34 22.90 4.88
C LEU D 90 8.34 22.97 6.03
N MET D 91 7.85 22.75 7.26
CA MET D 91 8.69 22.83 8.40
C MET D 91 8.82 21.46 9.05
N GLN D 92 10.02 21.21 9.55
CA GLN D 92 10.30 19.97 10.25
C GLN D 92 11.20 20.28 11.42
N THR D 93 11.25 19.39 12.40
CA THR D 93 12.10 19.52 13.55
C THR D 93 12.95 18.27 13.68
N SER D 94 14.14 18.46 14.22
CA SER D 94 15.05 17.32 14.44
C SER D 94 15.91 17.57 15.65
N SER D 95 16.67 16.56 16.01
CA SER D 95 17.53 16.66 17.17
C SER D 95 18.95 16.95 16.75
N LYS D 96 19.63 17.81 17.48
CA LYS D 96 21.04 18.07 17.18
C LYS D 96 21.95 16.88 17.53
N GLN D 97 21.69 16.20 18.63
CA GLN D 97 22.55 15.17 19.17
C GLN D 97 22.00 13.78 19.04
N GLY D 98 20.67 13.70 18.93
CA GLY D 98 19.98 12.43 18.98
C GLY D 98 19.37 11.98 17.67
N ILE D 99 18.39 11.07 17.78
CA ILE D 99 17.81 10.44 16.58
C ILE D 99 16.28 10.57 16.61
N GLY D 100 15.76 11.26 15.62
CA GLY D 100 14.31 11.46 15.46
C GLY D 100 14.03 12.75 14.77
N THR D 101 13.34 12.66 13.64
CA THR D 101 12.98 13.82 12.85
C THR D 101 11.48 13.79 12.61
N SER D 102 10.82 14.95 12.72
CA SER D 102 9.38 15.05 12.59
C SER D 102 8.95 14.89 11.15
N ARG D 103 7.65 14.60 11.00
CA ARG D 103 7.11 14.61 9.65
C ARG D 103 7.05 16.05 9.13
N PRO D 104 7.39 16.30 7.87
CA PRO D 104 7.25 17.69 7.36
C PRO D 104 5.81 18.16 7.43
N ILE D 105 5.62 19.41 7.84
CA ILE D 105 4.30 20.00 8.00
C ILE D 105 4.21 21.13 7.02
N VAL D 106 3.09 21.17 6.24
CA VAL D 106 2.96 22.18 5.19
C VAL D 106 2.35 23.48 5.72
N TYR D 107 3.00 24.60 5.45
CA TYR D 107 2.47 25.91 5.89
C TYR D 107 2.22 26.70 4.64
N GLU D 108 1.05 27.34 4.59
CA GLU D 108 0.63 28.07 3.40
C GLU D 108 0.45 29.54 3.71
N ARG D 109 0.73 30.38 2.71
CA ARG D 109 1.02 31.79 2.95
C ARG D 109 -0.23 32.53 3.21
N LEU D 110 -0.25 33.27 4.33
CA LEU D 110 -1.36 34.12 4.69
C LEU D 110 -0.99 35.62 4.73
N VAL D 111 -1.94 36.35 5.34
CA VAL D 111 -2.04 37.82 5.44
C VAL D 111 -2.69 38.44 4.21
S SO4 E . 1.71 -15.10 9.13
O1 SO4 E . 2.46 -13.85 9.00
O2 SO4 E . 2.54 -16.19 9.60
O3 SO4 E . 1.19 -15.48 7.80
O4 SO4 E . 0.69 -14.90 10.16
S SO4 F . -14.84 -3.09 -17.79
O1 SO4 F . -13.91 -2.94 -18.95
O2 SO4 F . -14.25 -3.94 -16.76
O3 SO4 F . -16.09 -3.63 -18.31
O4 SO4 F . -15.07 -1.79 -17.17
S SO4 G . 0.85 4.48 -6.07
O1 SO4 G . 1.95 4.31 -5.12
O2 SO4 G . -0.24 3.63 -5.59
O3 SO4 G . 1.31 4.05 -7.41
O4 SO4 G . 0.40 5.84 -6.23
S SO4 H . -5.70 -4.29 16.26
O1 SO4 H . -5.12 -2.95 16.35
O2 SO4 H . -4.77 -5.35 16.55
O3 SO4 H . -6.19 -4.51 14.89
O4 SO4 H . -6.76 -4.51 17.23
S SO4 I . 16.81 15.64 0.54
O1 SO4 I . 18.05 16.33 0.27
O2 SO4 I . 16.71 14.47 -0.35
O3 SO4 I . 15.64 16.46 0.24
O4 SO4 I . 16.70 15.20 1.97
C GAI J . 14.46 3.35 30.58
N1 GAI J . 13.97 3.34 31.81
N2 GAI J . 14.27 2.29 29.75
N3 GAI J . 15.34 4.33 30.25
#